data_5BST
#
_entry.id   5BST
#
_cell.length_a   81.830
_cell.length_b   81.830
_cell.length_c   180.988
_cell.angle_alpha   90.000
_cell.angle_beta   90.000
_cell.angle_gamma   90.000
#
_symmetry.space_group_name_H-M   'P 41 21 2'
#
loop_
_entity.id
_entity.type
_entity.pdbx_description
1 polymer '4-coumarate--CoA ligase 2'
2 non-polymer "5'-O-[(R)-hydroxy{[(2E)-3-(4-oxocyclohexa-1,5-dien-1-yl)prop-2-enoyl]oxy}phosphoryl]adenosine"
3 non-polymer 'MAGNESIUM ION'
4 water water
#
_entity_poly.entity_id   1
_entity_poly.type   'polypeptide(L)'
_entity_poly.pdbx_seq_one_letter_code
;MEKDTKQVDIIFRSKLPDIYIPNHLPLHSYCFENISEFSSRPCLINGANKQIYTYADVELNSRKVAAGLHKQGIQPKDTI
MILLPNSPEFVFAFIGASYLGAISTMANPLFTPAEVVKQAKASSAKIIVTQACHVNKVKDYAFENDVKIICIDSAPEGCL
HFSVLTQANEHDIPEVEIQPDDVVALPYSSGTTGLPKGVMLTHKGLVTSVAQQVDGENPNLYIHSEDVMLCVLPLFHIYS
LNSVLLCGLRVGAAILIMQKFDIVSFLELIQRYKVTIGPFVPPIVLAIAKSPMVDDYDLSSVRTVMSGAAPLGKELEDTV
RAKFPNAKLGQGYGMTEAGPVLAMCLAFAKEPFEIKSGACGTVVRNAEMKIVDPKTGNSLPRNQSGEICIRGDQIMKGYL
NDPEATARTIDKEGWLYTGDIGYIDDDDELFIVDRLKELIKYKGFQVAPAELEALLLNHPNISDAAVVPMKDEQAGEVPV
AFVVRSNGSTITEDEVKDFISKQVIFYKRIKRVFFVDAIPKSPSGKILRKDLRAKLAAGLPN
;
_entity_poly.pdbx_strand_id   A
#
loop_
_chem_comp.id
_chem_comp.type
_chem_comp.name
_chem_comp.formula
4UU non-polymer 5'-O-[(R)-hydroxy{[(2E)-3-(4-oxocyclohexa-1,5-dien-1-yl)prop-2-enoyl]oxy}phosphoryl]adenosine 'C19 H20 N5 O9 P'
MG non-polymer 'MAGNESIUM ION' 'Mg 2'
#
# COMPACT_ATOMS: atom_id res chain seq x y z
N VAL A 8 -14.48 29.62 7.61
CA VAL A 8 -13.19 29.09 8.14
C VAL A 8 -13.23 27.56 8.22
N ASP A 9 -12.08 26.95 7.93
CA ASP A 9 -11.92 25.52 8.12
C ASP A 9 -11.85 25.14 9.59
N ILE A 10 -12.59 24.09 9.95
CA ILE A 10 -12.54 23.51 11.27
C ILE A 10 -11.50 22.40 11.23
N ILE A 11 -10.41 22.61 11.94
CA ILE A 11 -9.25 21.72 11.84
C ILE A 11 -9.14 20.78 13.05
N PHE A 12 -8.91 19.51 12.74
CA PHE A 12 -8.73 18.47 13.75
C PHE A 12 -7.27 18.03 13.80
N ARG A 13 -6.80 17.72 15.01
CA ARG A 13 -5.42 17.28 15.22
C ARG A 13 -5.36 16.07 16.15
N SER A 14 -4.17 15.49 16.29
CA SER A 14 -3.97 14.33 17.16
C SER A 14 -4.14 14.69 18.62
N LYS A 15 -4.51 13.69 19.42
CA LYS A 15 -4.49 13.81 20.87
C LYS A 15 -3.06 13.72 21.40
N LEU A 16 -2.13 13.32 20.52
CA LEU A 16 -0.71 13.33 20.84
C LEU A 16 -0.12 14.68 20.45
N PRO A 17 0.90 15.15 21.20
CA PRO A 17 1.55 16.40 20.84
C PRO A 17 2.40 16.26 19.60
N ASP A 18 2.62 17.35 18.89
CA ASP A 18 3.60 17.37 17.81
C ASP A 18 4.99 17.04 18.32
N ILE A 19 5.78 16.37 17.47
CA ILE A 19 7.14 16.00 17.80
C ILE A 19 8.13 16.57 16.79
N TYR A 20 9.40 16.58 17.15
CA TYR A 20 10.45 16.90 16.19
C TYR A 20 10.59 15.74 15.21
N ILE A 21 10.58 16.07 13.91
CA ILE A 21 10.78 15.08 12.85
C ILE A 21 11.97 15.51 11.99
N PRO A 22 13.00 14.64 11.92
CA PRO A 22 14.19 14.97 11.13
C PRO A 22 13.98 14.66 9.65
N ASN A 23 12.97 15.29 9.05
CA ASN A 23 12.61 14.98 7.66
C ASN A 23 13.46 15.69 6.60
N HIS A 24 14.58 16.24 7.03
CA HIS A 24 15.63 16.69 6.13
C HIS A 24 16.62 15.54 5.82
N LEU A 25 16.48 14.41 6.52
CA LEU A 25 17.37 13.27 6.34
C LEU A 25 16.88 12.36 5.20
N PRO A 26 17.80 11.86 4.38
CA PRO A 26 17.42 10.81 3.43
C PRO A 26 16.79 9.62 4.16
N LEU A 27 15.90 8.92 3.47
CA LEU A 27 15.13 7.84 4.10
C LEU A 27 16.01 6.77 4.73
N HIS A 28 17.06 6.34 4.03
CA HIS A 28 17.95 5.32 4.58
C HIS A 28 18.69 5.84 5.81
N SER A 29 19.12 7.10 5.78
CA SER A 29 19.79 7.73 6.92
C SER A 29 18.87 7.81 8.14
N TYR A 30 17.60 8.05 7.90
CA TYR A 30 16.61 8.13 8.96
C TYR A 30 16.29 6.73 9.52
N CYS A 31 15.95 5.80 8.63
CA CYS A 31 15.56 4.45 9.06
C CYS A 31 16.69 3.73 9.80
N PHE A 32 17.93 4.02 9.41
CA PHE A 32 19.10 3.41 10.05
C PHE A 32 19.79 4.35 11.04
N GLU A 33 19.14 5.45 11.40
CA GLU A 33 19.75 6.45 12.28
C GLU A 33 20.27 5.85 13.58
N ASN A 34 19.51 4.92 14.15
CA ASN A 34 19.87 4.32 15.42
C ASN A 34 20.38 2.88 15.29
N ILE A 35 20.84 2.53 14.08
CA ILE A 35 21.25 1.14 13.78
C ILE A 35 22.35 0.60 14.71
N SER A 36 23.20 1.48 15.23
CA SER A 36 24.29 1.05 16.13
C SER A 36 23.77 0.41 17.42
N GLU A 37 22.53 0.74 17.77
CA GLU A 37 21.87 0.18 18.96
C GLU A 37 21.36 -1.24 18.74
N PHE A 38 21.19 -1.65 17.49
CA PHE A 38 20.66 -2.99 17.21
C PHE A 38 21.29 -3.67 15.99
N SER A 39 22.53 -3.30 15.68
CA SER A 39 23.28 -3.83 14.55
C SER A 39 23.28 -5.36 14.48
N SER A 40 23.36 -6.00 15.65
CA SER A 40 23.49 -7.45 15.73
C SER A 40 22.15 -8.18 15.87
N ARG A 41 21.06 -7.40 15.91
CA ARG A 41 19.72 -7.95 16.10
C ARG A 41 19.16 -8.47 14.79
N PRO A 42 18.22 -9.45 14.85
CA PRO A 42 17.59 -9.92 13.63
C PRO A 42 16.74 -8.81 12.98
N CYS A 43 16.87 -8.68 11.67
CA CYS A 43 16.15 -7.66 10.93
C CYS A 43 15.09 -8.29 10.02
N LEU A 44 15.54 -9.13 9.10
CA LEU A 44 14.64 -9.85 8.18
C LEU A 44 14.72 -11.33 8.46
N ILE A 45 13.56 -11.95 8.58
CA ILE A 45 13.47 -13.41 8.70
C ILE A 45 12.61 -13.87 7.53
N ASN A 46 13.23 -14.61 6.62
CA ASN A 46 12.50 -15.07 5.45
C ASN A 46 11.76 -16.36 5.78
N GLY A 47 10.43 -16.28 5.79
CA GLY A 47 9.59 -17.44 6.11
C GLY A 47 9.76 -18.60 5.15
N ALA A 48 10.23 -18.32 3.94
CA ALA A 48 10.40 -19.33 2.88
C ALA A 48 11.49 -20.35 3.20
N ASN A 49 12.61 -19.88 3.73
CA ASN A 49 13.79 -20.72 3.94
C ASN A 49 14.37 -20.59 5.35
N LYS A 50 13.74 -19.75 6.16
CA LYS A 50 14.16 -19.47 7.54
C LYS A 50 15.50 -18.73 7.61
N GLN A 51 15.94 -18.15 6.50
CA GLN A 51 17.16 -17.34 6.50
C GLN A 51 16.94 -16.04 7.27
N ILE A 52 17.92 -15.69 8.10
CA ILE A 52 17.87 -14.48 8.92
C ILE A 52 19.01 -13.54 8.57
N TYR A 53 18.65 -12.28 8.33
CA TYR A 53 19.62 -11.21 8.12
C TYR A 53 19.56 -10.27 9.31
N THR A 54 20.73 -9.87 9.81
CA THR A 54 20.79 -8.94 10.92
C THR A 54 20.66 -7.52 10.37
N TYR A 55 20.48 -6.55 11.27
CA TYR A 55 20.52 -5.14 10.88
C TYR A 55 21.78 -4.76 10.12
N ALA A 56 22.94 -5.15 10.65
CA ALA A 56 24.21 -4.93 9.94
C ALA A 56 24.20 -5.54 8.55
N ASP A 57 23.70 -6.77 8.43
CA ASP A 57 23.58 -7.45 7.13
C ASP A 57 22.72 -6.65 6.15
N VAL A 58 21.58 -6.16 6.61
CA VAL A 58 20.62 -5.48 5.74
C VAL A 58 21.18 -4.14 5.26
N GLU A 59 21.79 -3.39 6.17
CA GLU A 59 22.44 -2.13 5.80
C GLU A 59 23.58 -2.36 4.80
N LEU A 60 24.42 -3.36 5.09
CA LEU A 60 25.55 -3.67 4.22
C LEU A 60 25.11 -4.15 2.84
N ASN A 61 24.15 -5.08 2.80
CA ASN A 61 23.64 -5.59 1.54
C ASN A 61 22.96 -4.51 0.69
N SER A 62 22.22 -3.62 1.34
CA SER A 62 21.61 -2.48 0.66
C SER A 62 22.66 -1.56 0.03
N ARG A 63 23.76 -1.34 0.75
CA ARG A 63 24.84 -0.48 0.26
C ARG A 63 25.58 -1.13 -0.89
N LYS A 64 25.81 -2.44 -0.77
CA LYS A 64 26.39 -3.21 -1.88
C LYS A 64 25.51 -3.13 -3.12
N VAL A 65 24.20 -3.33 -2.94
CA VAL A 65 23.25 -3.25 -4.04
C VAL A 65 23.21 -1.85 -4.66
N ALA A 66 23.32 -0.82 -3.83
CA ALA A 66 23.41 0.55 -4.32
C ALA A 66 24.62 0.70 -5.25
N ALA A 67 25.79 0.23 -4.80
CA ALA A 67 27.00 0.27 -5.62
C ALA A 67 26.81 -0.54 -6.90
N GLY A 68 26.16 -1.70 -6.78
CA GLY A 68 25.84 -2.55 -7.93
C GLY A 68 24.90 -1.90 -8.93
N LEU A 69 23.87 -1.23 -8.42
CA LEU A 69 22.93 -0.53 -9.29
C LEU A 69 23.59 0.63 -10.03
N HIS A 70 24.49 1.33 -9.34
CA HIS A 70 25.29 2.40 -9.96
C HIS A 70 26.11 1.86 -11.12
N LYS A 71 26.78 0.73 -10.90
CA LYS A 71 27.56 0.05 -11.95
C LYS A 71 26.70 -0.34 -13.15
N GLN A 72 25.42 -0.61 -12.91
CA GLN A 72 24.49 -0.97 -13.97
C GLN A 72 23.84 0.24 -14.66
N GLY A 73 24.23 1.45 -14.25
CA GLY A 73 23.80 2.68 -14.91
C GLY A 73 22.73 3.50 -14.21
N ILE A 74 22.40 3.14 -12.97
CA ILE A 74 21.42 3.91 -12.20
C ILE A 74 22.04 5.17 -11.60
N GLN A 75 21.53 6.32 -12.05
CA GLN A 75 22.01 7.61 -11.57
C GLN A 75 20.93 8.21 -10.65
N PRO A 76 21.27 9.29 -9.92
CA PRO A 76 20.23 9.95 -9.14
C PRO A 76 19.02 10.30 -10.01
N LYS A 77 17.84 10.09 -9.45
CA LYS A 77 16.55 10.39 -10.09
C LYS A 77 16.14 9.39 -11.18
N ASP A 78 16.98 8.38 -11.40
CA ASP A 78 16.60 7.24 -12.25
C ASP A 78 15.64 6.34 -11.48
N THR A 79 14.91 5.50 -12.21
CA THR A 79 13.92 4.61 -11.61
C THR A 79 14.21 3.13 -11.89
N ILE A 80 14.06 2.30 -10.87
CA ILE A 80 14.03 0.86 -11.06
C ILE A 80 12.63 0.35 -10.75
N MET A 81 12.27 -0.80 -11.33
CA MET A 81 11.03 -1.46 -11.01
C MET A 81 11.35 -2.71 -10.22
N ILE A 82 10.72 -2.85 -9.07
CA ILE A 82 10.77 -4.08 -8.31
C ILE A 82 9.51 -4.87 -8.63
N LEU A 83 9.69 -6.09 -9.12
CA LEU A 83 8.60 -6.98 -9.52
C LEU A 83 8.82 -8.31 -8.80
N LEU A 84 8.66 -8.25 -7.48
CA LEU A 84 9.02 -9.36 -6.59
C LEU A 84 7.97 -9.59 -5.52
N PRO A 85 7.86 -10.85 -5.06
CA PRO A 85 7.12 -11.10 -3.83
C PRO A 85 7.93 -10.59 -2.63
N ASN A 86 7.33 -10.57 -1.44
CA ASN A 86 8.05 -10.21 -0.24
C ASN A 86 9.31 -11.04 -0.12
N SER A 87 10.44 -10.38 0.04
CA SER A 87 11.75 -11.03 -0.04
C SER A 87 12.85 -10.10 0.45
N PRO A 88 13.96 -10.67 0.92
CA PRO A 88 15.09 -9.81 1.27
C PRO A 88 15.55 -8.97 0.08
N GLU A 89 15.51 -9.56 -1.12
CA GLU A 89 15.93 -8.85 -2.33
C GLU A 89 15.09 -7.60 -2.59
N PHE A 90 13.78 -7.66 -2.33
CA PHE A 90 12.91 -6.48 -2.43
C PHE A 90 13.50 -5.35 -1.59
N VAL A 91 13.81 -5.66 -0.33
CA VAL A 91 14.33 -4.67 0.61
C VAL A 91 15.67 -4.10 0.15
N PHE A 92 16.58 -4.97 -0.25
CA PHE A 92 17.92 -4.53 -0.68
C PHE A 92 17.85 -3.64 -1.92
N ALA A 93 16.96 -3.98 -2.84
CA ALA A 93 16.75 -3.18 -4.04
C ALA A 93 16.17 -1.82 -3.69
N PHE A 94 15.17 -1.80 -2.80
CA PHE A 94 14.50 -0.57 -2.43
C PHE A 94 15.44 0.40 -1.69
N ILE A 95 16.14 -0.12 -0.69
CA ILE A 95 17.05 0.71 0.10
C ILE A 95 18.28 1.05 -0.74
N GLY A 96 18.75 0.10 -1.56
CA GLY A 96 19.85 0.35 -2.50
C GLY A 96 19.61 1.55 -3.40
N ALA A 97 18.41 1.62 -3.98
CA ALA A 97 18.05 2.75 -4.84
C ALA A 97 18.01 4.06 -4.04
N SER A 98 17.54 3.98 -2.80
CA SER A 98 17.53 5.16 -1.93
C SER A 98 18.93 5.76 -1.72
N TYR A 99 19.93 4.90 -1.51
CA TYR A 99 21.31 5.34 -1.32
C TYR A 99 21.82 6.12 -2.53
N LEU A 100 21.28 5.83 -3.71
CA LEU A 100 21.71 6.48 -4.95
C LEU A 100 20.94 7.74 -5.27
N GLY A 101 19.96 8.08 -4.44
CA GLY A 101 19.04 9.16 -4.76
C GLY A 101 18.14 8.77 -5.92
N ALA A 102 17.94 7.47 -6.08
CA ALA A 102 17.10 6.92 -7.14
C ALA A 102 15.72 6.53 -6.61
N ILE A 103 14.88 6.03 -7.52
CA ILE A 103 13.47 5.78 -7.26
C ILE A 103 13.15 4.31 -7.50
N SER A 104 12.38 3.71 -6.60
CA SER A 104 11.80 2.39 -6.85
C SER A 104 10.32 2.49 -7.13
N THR A 105 9.89 1.97 -8.28
CA THR A 105 8.48 1.69 -8.50
C THR A 105 8.29 0.20 -8.20
N MET A 106 7.17 -0.14 -7.60
CA MET A 106 6.96 -1.52 -7.14
C MET A 106 5.65 -2.02 -7.73
N ALA A 107 5.65 -3.27 -8.16
CA ALA A 107 4.49 -3.87 -8.81
C ALA A 107 4.29 -5.31 -8.37
N ASN A 108 3.04 -5.74 -8.41
CA ASN A 108 2.65 -7.10 -8.09
C ASN A 108 3.22 -8.04 -9.14
N PRO A 109 4.01 -9.05 -8.71
CA PRO A 109 4.61 -9.95 -9.70
C PRO A 109 3.58 -10.80 -10.44
N LEU A 110 2.35 -10.81 -9.96
CA LEU A 110 1.28 -11.57 -10.61
C LEU A 110 0.50 -10.76 -11.64
N PHE A 111 0.91 -9.51 -11.86
CA PHE A 111 0.29 -8.67 -12.90
C PHE A 111 0.42 -9.34 -14.25
N THR A 112 -0.52 -9.07 -15.16
CA THR A 112 -0.39 -9.54 -16.54
C THR A 112 0.78 -8.83 -17.22
N PRO A 113 1.34 -9.44 -18.29
CA PRO A 113 2.37 -8.75 -19.06
C PRO A 113 1.98 -7.30 -19.40
N ALA A 114 0.76 -7.09 -19.87
CA ALA A 114 0.29 -5.75 -20.25
C ALA A 114 0.28 -4.79 -19.06
N GLU A 115 -0.12 -5.29 -17.89
CA GLU A 115 -0.12 -4.46 -16.67
C GLU A 115 1.30 -4.08 -16.23
N VAL A 116 2.22 -5.04 -16.26
CA VAL A 116 3.60 -4.75 -15.85
C VAL A 116 4.21 -3.74 -16.82
N VAL A 117 4.07 -4.00 -18.12
CA VAL A 117 4.68 -3.13 -19.14
C VAL A 117 4.14 -1.70 -19.10
N LYS A 118 2.83 -1.56 -18.92
CA LYS A 118 2.21 -0.23 -18.77
C LYS A 118 2.89 0.55 -17.65
N GLN A 119 3.10 -0.09 -16.50
CA GLN A 119 3.77 0.57 -15.38
C GLN A 119 5.25 0.83 -15.65
N ALA A 120 5.92 -0.14 -16.27
CA ALA A 120 7.33 0.02 -16.66
C ALA A 120 7.52 1.24 -17.57
N LYS A 121 6.63 1.37 -18.55
CA LYS A 121 6.68 2.50 -19.49
C LYS A 121 6.39 3.81 -18.76
N ALA A 122 5.31 3.84 -17.99
CA ALA A 122 4.88 5.07 -17.31
C ALA A 122 5.93 5.58 -16.33
N SER A 123 6.63 4.66 -15.67
CA SER A 123 7.61 4.99 -14.64
C SER A 123 9.01 5.23 -15.20
N SER A 124 9.21 4.94 -16.48
CA SER A 124 10.52 5.01 -17.12
C SER A 124 11.57 4.13 -16.42
N ALA A 125 11.15 2.97 -15.93
CA ALA A 125 12.06 2.05 -15.23
C ALA A 125 13.22 1.64 -16.14
N LYS A 126 14.44 1.76 -15.62
CA LYS A 126 15.65 1.45 -16.38
C LYS A 126 16.10 0.01 -16.17
N ILE A 127 15.70 -0.56 -15.03
CA ILE A 127 15.99 -1.93 -14.65
C ILE A 127 14.73 -2.53 -14.03
N ILE A 128 14.45 -3.79 -14.35
CA ILE A 128 13.39 -4.55 -13.70
C ILE A 128 14.03 -5.68 -12.89
N VAL A 129 13.72 -5.72 -11.59
CA VAL A 129 14.22 -6.76 -10.70
C VAL A 129 13.07 -7.75 -10.48
N THR A 130 13.29 -9.01 -10.83
CA THR A 130 12.19 -9.97 -10.82
C THR A 130 12.65 -11.42 -10.59
N GLN A 131 11.73 -12.38 -10.81
CA GLN A 131 12.07 -13.80 -10.78
C GLN A 131 12.07 -14.34 -12.20
N ALA A 132 12.85 -15.40 -12.42
CA ALA A 132 12.99 -16.02 -13.73
C ALA A 132 11.63 -16.30 -14.40
N CYS A 133 10.69 -16.83 -13.63
CA CYS A 133 9.38 -17.23 -14.17
C CYS A 133 8.56 -16.06 -14.71
N HIS A 134 8.92 -14.83 -14.34
CA HIS A 134 8.20 -13.65 -14.81
C HIS A 134 8.91 -12.86 -15.90
N VAL A 135 10.10 -13.31 -16.31
CA VAL A 135 10.85 -12.66 -17.37
C VAL A 135 10.04 -12.54 -18.66
N ASN A 136 9.28 -13.59 -18.98
CA ASN A 136 8.40 -13.61 -20.15
C ASN A 136 7.41 -12.45 -20.22
N LYS A 137 7.04 -11.92 -19.06
CA LYS A 137 6.09 -10.82 -19.00
C LYS A 137 6.67 -9.52 -19.54
N VAL A 138 8.00 -9.38 -19.48
CA VAL A 138 8.66 -8.11 -19.80
C VAL A 138 9.76 -8.21 -20.86
N LYS A 139 10.12 -9.43 -21.25
CA LYS A 139 11.33 -9.65 -22.07
C LYS A 139 11.35 -8.90 -23.40
N ASP A 140 10.27 -9.00 -24.17
CA ASP A 140 10.19 -8.30 -25.46
C ASP A 140 10.27 -6.80 -25.31
N TYR A 141 9.49 -6.26 -24.38
CA TYR A 141 9.52 -4.83 -24.07
C TYR A 141 10.92 -4.39 -23.64
N ALA A 142 11.54 -5.16 -22.75
CA ALA A 142 12.85 -4.83 -22.20
C ALA A 142 13.94 -4.86 -23.29
N PHE A 143 13.87 -5.86 -24.17
CA PHE A 143 14.79 -5.96 -25.30
C PHE A 143 14.68 -4.76 -26.23
N GLU A 144 13.45 -4.41 -26.61
CA GLU A 144 13.19 -3.31 -27.54
C GLU A 144 13.54 -1.95 -26.97
N ASN A 145 13.64 -1.85 -25.64
CA ASN A 145 13.91 -0.57 -24.99
C ASN A 145 15.17 -0.52 -24.13
N ASP A 146 15.99 -1.58 -24.22
CA ASP A 146 17.27 -1.68 -23.51
C ASP A 146 17.09 -1.57 -21.99
N VAL A 147 15.97 -2.09 -21.50
CA VAL A 147 15.71 -2.17 -20.06
C VAL A 147 16.39 -3.43 -19.54
N LYS A 148 17.28 -3.27 -18.56
CA LYS A 148 17.97 -4.41 -17.95
C LYS A 148 17.03 -5.22 -17.07
N ILE A 149 17.14 -6.54 -17.15
CA ILE A 149 16.38 -7.44 -16.30
C ILE A 149 17.33 -8.18 -15.37
N ILE A 150 17.06 -8.07 -14.07
CA ILE A 150 17.87 -8.72 -13.05
C ILE A 150 16.99 -9.71 -12.28
N CYS A 151 17.43 -10.96 -12.23
CA CYS A 151 16.65 -12.04 -11.60
C CYS A 151 17.26 -12.51 -10.29
N ILE A 152 16.41 -12.75 -9.30
CA ILE A 152 16.88 -13.11 -7.97
C ILE A 152 17.17 -14.61 -7.81
N ASP A 153 16.63 -15.43 -8.70
CA ASP A 153 16.81 -16.88 -8.61
C ASP A 153 17.76 -17.46 -9.67
N SER A 154 17.39 -17.31 -10.94
CA SER A 154 18.24 -17.73 -12.05
C SER A 154 18.02 -16.79 -13.22
N ALA A 155 19.06 -16.57 -14.02
CA ALA A 155 19.00 -15.59 -15.10
C ALA A 155 18.92 -16.25 -16.46
N PRO A 156 17.77 -16.09 -17.16
CA PRO A 156 17.64 -16.54 -18.55
C PRO A 156 18.48 -15.66 -19.47
N GLU A 157 18.48 -15.98 -20.76
CA GLU A 157 19.25 -15.21 -21.74
C GLU A 157 18.80 -13.74 -21.75
N GLY A 158 19.78 -12.84 -21.81
CA GLY A 158 19.52 -11.41 -21.81
C GLY A 158 19.14 -10.86 -20.44
N CYS A 159 19.42 -11.64 -19.39
CA CYS A 159 19.19 -11.22 -18.01
C CYS A 159 20.44 -11.37 -17.17
N LEU A 160 20.50 -10.61 -16.08
CA LEU A 160 21.57 -10.73 -15.10
C LEU A 160 21.03 -11.35 -13.83
N HIS A 161 21.92 -11.94 -13.03
CA HIS A 161 21.56 -12.46 -11.71
C HIS A 161 21.73 -11.36 -10.67
N PHE A 162 20.92 -11.42 -9.61
CA PHE A 162 20.95 -10.43 -8.53
C PHE A 162 22.31 -10.37 -7.85
N SER A 163 23.07 -11.46 -7.91
CA SER A 163 24.44 -11.50 -7.38
C SER A 163 25.36 -10.44 -8.01
N VAL A 164 25.04 -10.00 -9.23
CA VAL A 164 25.81 -8.94 -9.89
C VAL A 164 25.70 -7.62 -9.11
N LEU A 165 24.63 -7.51 -8.31
CA LEU A 165 24.44 -6.34 -7.45
C LEU A 165 25.06 -6.52 -6.07
N THR A 166 24.83 -7.69 -5.45
CA THR A 166 25.32 -7.96 -4.09
C THR A 166 26.83 -8.17 -4.03
N GLN A 167 27.44 -8.50 -5.17
CA GLN A 167 28.90 -8.70 -5.22
C GLN A 167 29.68 -7.40 -5.43
N ALA A 168 28.95 -6.30 -5.56
CA ALA A 168 29.57 -4.99 -5.72
C ALA A 168 30.18 -4.50 -4.41
N ASN A 169 31.16 -3.61 -4.53
CA ASN A 169 31.85 -3.05 -3.37
C ASN A 169 31.10 -1.85 -2.82
N GLU A 170 30.69 -1.94 -1.55
CA GLU A 170 29.91 -0.89 -0.89
C GLU A 170 30.62 0.47 -0.85
N HIS A 171 31.94 0.46 -0.95
CA HIS A 171 32.75 1.69 -0.96
C HIS A 171 32.66 2.42 -2.30
N ASP A 172 32.01 1.80 -3.29
CA ASP A 172 31.86 2.40 -4.62
C ASP A 172 30.56 3.15 -4.83
N ILE A 173 29.80 3.37 -3.75
CA ILE A 173 28.63 4.25 -3.81
C ILE A 173 29.11 5.67 -4.11
N PRO A 174 28.61 6.27 -5.21
CA PRO A 174 29.05 7.60 -5.59
C PRO A 174 28.63 8.65 -4.57
N GLU A 175 29.38 9.74 -4.50
CA GLU A 175 28.97 10.92 -3.76
C GLU A 175 27.65 11.40 -4.34
N VAL A 176 26.71 11.72 -3.47
CA VAL A 176 25.37 12.15 -3.89
C VAL A 176 24.83 13.18 -2.91
N GLU A 177 24.11 14.17 -3.44
CA GLU A 177 23.46 15.15 -2.60
C GLU A 177 21.96 15.01 -2.76
N ILE A 178 21.37 14.15 -1.94
CA ILE A 178 19.94 13.88 -1.98
C ILE A 178 19.22 15.01 -1.26
N GLN A 179 18.13 15.50 -1.86
CA GLN A 179 17.32 16.56 -1.27
C GLN A 179 16.06 15.99 -0.65
N PRO A 180 15.48 16.69 0.35
CA PRO A 180 14.27 16.20 1.01
C PRO A 180 13.11 15.96 0.05
N ASP A 181 12.93 16.82 -0.94
CA ASP A 181 11.81 16.65 -1.88
C ASP A 181 12.10 15.70 -3.05
N ASP A 182 13.25 15.04 -3.02
CA ASP A 182 13.57 14.03 -4.05
C ASP A 182 12.67 12.81 -3.85
N VAL A 183 12.18 12.26 -4.96
CA VAL A 183 11.33 11.08 -4.93
C VAL A 183 12.17 9.84 -4.60
N VAL A 184 11.60 8.91 -3.82
CA VAL A 184 12.30 7.66 -3.50
C VAL A 184 11.41 6.42 -3.76
N ALA A 185 10.10 6.60 -3.72
CA ALA A 185 9.18 5.49 -3.96
C ALA A 185 8.08 5.94 -4.88
N LEU A 186 7.71 5.05 -5.81
CA LEU A 186 6.69 5.36 -6.78
C LEU A 186 5.65 4.24 -6.91
N PRO A 187 4.84 4.06 -5.85
CA PRO A 187 3.73 3.12 -6.00
C PRO A 187 2.66 3.74 -6.89
N TYR A 188 1.87 2.89 -7.55
CA TYR A 188 0.81 3.36 -8.42
C TYR A 188 -0.54 3.31 -7.73
N SER A 189 -1.37 4.31 -7.99
CA SER A 189 -2.69 4.44 -7.39
C SER A 189 -3.59 5.25 -8.32
N SER A 190 -4.87 4.87 -8.38
CA SER A 190 -5.83 5.63 -9.18
C SER A 190 -6.39 6.85 -8.46
N GLY A 191 -6.09 7.00 -7.17
CA GLY A 191 -6.54 8.16 -6.43
C GLY A 191 -8.05 8.26 -6.38
N THR A 192 -8.58 9.45 -6.65
CA THR A 192 -10.01 9.68 -6.47
C THR A 192 -10.82 9.56 -7.75
N THR A 193 -10.15 9.29 -8.87
CA THR A 193 -10.81 9.00 -10.14
C THR A 193 -9.80 8.62 -11.20
N GLY A 194 -10.23 7.80 -12.16
CA GLY A 194 -9.44 7.54 -13.35
C GLY A 194 -8.49 6.37 -13.24
N LEU A 195 -7.40 6.43 -14.00
CA LEU A 195 -6.48 5.30 -14.13
C LEU A 195 -5.36 5.36 -13.09
N PRO A 196 -4.70 4.23 -12.83
CA PRO A 196 -3.53 4.27 -11.96
C PRO A 196 -2.50 5.31 -12.38
N LYS A 197 -1.99 6.04 -11.41
CA LYS A 197 -1.01 7.11 -11.61
C LYS A 197 0.17 6.87 -10.69
N GLY A 198 1.34 7.40 -11.06
CA GLY A 198 2.55 7.23 -10.26
C GLY A 198 2.57 8.19 -9.10
N VAL A 199 2.49 7.65 -7.89
CA VAL A 199 2.46 8.47 -6.68
C VAL A 199 3.90 8.78 -6.26
N MET A 200 4.31 10.03 -6.38
CA MET A 200 5.67 10.43 -6.00
C MET A 200 5.78 10.63 -4.51
N LEU A 201 6.35 9.64 -3.83
CA LEU A 201 6.61 9.73 -2.41
C LEU A 201 8.08 10.06 -2.18
N THR A 202 8.31 11.09 -1.38
CA THR A 202 9.65 11.66 -1.22
C THR A 202 10.34 11.17 0.05
N HIS A 203 11.64 11.43 0.14
CA HIS A 203 12.38 11.24 1.39
C HIS A 203 11.72 11.96 2.53
N LYS A 204 11.45 13.26 2.35
CA LYS A 204 10.81 14.06 3.38
C LYS A 204 9.46 13.47 3.78
N GLY A 205 8.65 13.12 2.78
CA GLY A 205 7.32 12.55 3.02
C GLY A 205 7.34 11.26 3.82
N LEU A 206 8.19 10.32 3.41
CA LEU A 206 8.22 9.01 4.07
C LEU A 206 8.83 9.08 5.46
N VAL A 207 9.86 9.89 5.63
CA VAL A 207 10.42 10.13 6.96
C VAL A 207 9.33 10.71 7.89
N THR A 208 8.57 11.66 7.38
CA THR A 208 7.49 12.25 8.17
C THR A 208 6.45 11.19 8.56
N SER A 209 6.05 10.37 7.60
CA SER A 209 5.02 9.38 7.86
C SER A 209 5.48 8.35 8.87
N VAL A 210 6.69 7.86 8.71
CA VAL A 210 7.24 6.89 9.65
C VAL A 210 7.34 7.49 11.06
N ALA A 211 7.86 8.71 11.15
CA ALA A 211 8.00 9.38 12.45
C ALA A 211 6.64 9.56 13.13
N GLN A 212 5.64 9.96 12.34
CA GLN A 212 4.29 10.13 12.86
C GLN A 212 3.78 8.85 13.51
N GLN A 213 4.20 7.70 13.00
CA GLN A 213 3.78 6.44 13.56
C GLN A 213 4.61 5.99 14.76
N VAL A 214 5.93 5.95 14.61
CA VAL A 214 6.77 5.25 15.59
C VAL A 214 7.72 6.11 16.45
N ASP A 215 7.83 7.39 16.15
CA ASP A 215 8.71 8.28 16.93
C ASP A 215 7.93 8.99 18.03
N GLY A 216 8.68 9.64 18.93
CA GLY A 216 8.09 10.42 20.02
C GLY A 216 8.19 9.73 21.36
N GLU A 217 8.04 10.51 22.43
CA GLU A 217 8.04 9.96 23.79
C GLU A 217 6.93 8.93 23.95
N ASN A 218 5.75 9.27 23.41
CA ASN A 218 4.63 8.35 23.32
C ASN A 218 4.28 8.14 21.85
N PRO A 219 4.91 7.15 21.21
CA PRO A 219 4.60 6.88 19.79
C PRO A 219 3.17 6.40 19.61
N ASN A 220 2.57 6.76 18.48
CA ASN A 220 1.21 6.36 18.14
C ASN A 220 1.11 4.85 17.95
N LEU A 221 2.13 4.29 17.32
CA LEU A 221 2.24 2.85 17.10
C LEU A 221 3.55 2.42 17.74
N TYR A 222 3.45 1.91 18.97
CA TYR A 222 4.63 1.56 19.75
C TYR A 222 5.18 0.22 19.29
N ILE A 223 6.34 0.27 18.64
CA ILE A 223 7.10 -0.92 18.25
C ILE A 223 8.55 -0.70 18.71
N HIS A 224 9.18 -1.77 19.22
CA HIS A 224 10.54 -1.68 19.72
C HIS A 224 11.40 -2.82 19.17
N SER A 225 12.68 -2.82 19.54
CA SER A 225 13.67 -3.70 18.90
C SER A 225 13.60 -5.15 19.38
N GLU A 226 12.69 -5.45 20.30
CA GLU A 226 12.45 -6.82 20.71
C GLU A 226 11.17 -7.38 20.10
N ASP A 227 10.46 -6.54 19.35
CA ASP A 227 9.26 -6.99 18.66
C ASP A 227 9.58 -7.84 17.43
N VAL A 228 8.63 -8.72 17.10
CA VAL A 228 8.68 -9.51 15.89
C VAL A 228 7.41 -9.16 15.13
N MET A 229 7.58 -8.49 13.99
CA MET A 229 6.47 -8.02 13.17
C MET A 229 6.25 -8.96 11.99
N LEU A 230 5.02 -9.42 11.81
CA LEU A 230 4.71 -10.25 10.65
C LEU A 230 4.58 -9.38 9.40
N CYS A 231 5.26 -9.79 8.33
CA CYS A 231 5.16 -9.11 7.04
C CYS A 231 4.50 -10.04 6.03
N VAL A 232 3.18 -10.19 6.17
CA VAL A 232 2.41 -11.02 5.24
C VAL A 232 1.75 -10.15 4.16
N LEU A 233 1.55 -8.88 4.48
CA LEU A 233 1.02 -7.91 3.51
C LEU A 233 2.11 -7.58 2.48
N PRO A 234 1.71 -7.33 1.23
CA PRO A 234 2.70 -7.17 0.16
C PRO A 234 3.48 -5.87 0.23
N LEU A 235 4.81 -5.99 0.14
CA LEU A 235 5.71 -4.84 0.21
C LEU A 235 5.57 -3.94 -1.00
N PHE A 236 5.00 -4.47 -2.09
CA PHE A 236 4.76 -3.65 -3.27
C PHE A 236 3.55 -2.73 -3.11
N HIS A 237 2.85 -2.84 -1.98
CA HIS A 237 1.78 -1.92 -1.62
C HIS A 237 2.24 -1.09 -0.42
N ILE A 238 1.75 0.14 -0.34
CA ILE A 238 2.23 1.14 0.61
C ILE A 238 2.03 0.82 2.09
N TYR A 239 1.00 0.04 2.42
CA TYR A 239 0.72 -0.32 3.81
C TYR A 239 1.89 -1.12 4.38
N SER A 240 2.22 -2.25 3.78
CA SER A 240 3.37 -3.03 4.22
C SER A 240 4.68 -2.26 4.05
N LEU A 241 4.85 -1.59 2.91
CA LEU A 241 6.11 -0.89 2.67
C LEU A 241 6.44 0.10 3.77
N ASN A 242 5.45 0.91 4.15
CA ASN A 242 5.68 1.94 5.14
C ASN A 242 5.53 1.42 6.58
N SER A 243 4.35 0.90 6.89
CA SER A 243 4.01 0.59 8.29
C SER A 243 4.68 -0.67 8.83
N VAL A 244 5.08 -1.56 7.92
CA VAL A 244 5.82 -2.76 8.33
C VAL A 244 7.33 -2.59 8.10
N LEU A 245 7.76 -2.44 6.86
CA LEU A 245 9.19 -2.35 6.58
C LEU A 245 9.85 -1.09 7.14
N LEU A 246 9.42 0.07 6.69
CA LEU A 246 10.12 1.30 7.06
C LEU A 246 10.00 1.60 8.55
N CYS A 247 8.80 1.42 9.10
CA CYS A 247 8.58 1.60 10.54
C CYS A 247 9.37 0.58 11.35
N GLY A 248 9.35 -0.67 10.89
CA GLY A 248 10.07 -1.75 11.56
C GLY A 248 11.56 -1.45 11.64
N LEU A 249 12.15 -1.06 10.51
CA LEU A 249 13.58 -0.75 10.46
C LEU A 249 13.92 0.38 11.41
N ARG A 250 13.10 1.43 11.41
CA ARG A 250 13.35 2.61 12.23
C ARG A 250 13.55 2.26 13.72
N VAL A 251 12.77 1.31 14.22
CA VAL A 251 12.79 0.94 15.63
C VAL A 251 13.62 -0.32 15.95
N GLY A 252 14.16 -0.96 14.93
CA GLY A 252 15.00 -2.15 15.13
C GLY A 252 14.27 -3.45 15.35
N ALA A 253 13.00 -3.49 14.95
CA ALA A 253 12.19 -4.71 15.06
C ALA A 253 12.64 -5.81 14.10
N ALA A 254 12.34 -7.06 14.44
CA ALA A 254 12.51 -8.17 13.50
C ALA A 254 11.27 -8.23 12.62
N ILE A 255 11.48 -8.43 11.33
CA ILE A 255 10.42 -8.45 10.33
C ILE A 255 10.38 -9.83 9.71
N LEU A 256 9.27 -10.54 9.95
CA LEU A 256 9.12 -11.93 9.54
C LEU A 256 8.33 -11.98 8.23
N ILE A 257 9.05 -12.22 7.15
CA ILE A 257 8.51 -12.13 5.80
C ILE A 257 7.78 -13.42 5.39
N MET A 258 6.55 -13.26 4.89
CA MET A 258 5.83 -14.33 4.19
C MET A 258 5.64 -13.93 2.74
N GLN A 259 5.80 -14.88 1.81
CA GLN A 259 5.61 -14.59 0.38
C GLN A 259 4.16 -14.63 -0.05
N LYS A 260 3.38 -15.47 0.61
CA LYS A 260 1.96 -15.62 0.34
C LYS A 260 1.27 -15.92 1.65
N PHE A 261 0.00 -15.52 1.74
CA PHE A 261 -0.80 -15.98 2.86
C PHE A 261 -1.20 -17.43 2.63
N ASP A 262 -0.92 -18.26 3.63
CA ASP A 262 -1.67 -19.50 3.78
C ASP A 262 -1.84 -19.73 5.27
N ILE A 263 -3.01 -20.24 5.62
CA ILE A 263 -3.46 -20.24 7.02
C ILE A 263 -2.53 -21.06 7.92
N VAL A 264 -2.07 -22.21 7.44
CA VAL A 264 -1.20 -23.06 8.24
C VAL A 264 0.14 -22.38 8.50
N SER A 265 0.76 -21.85 7.45
CA SER A 265 2.05 -21.18 7.63
C SER A 265 1.91 -19.95 8.53
N PHE A 266 0.83 -19.21 8.31
CA PHE A 266 0.50 -18.03 9.10
C PHE A 266 0.48 -18.36 10.59
N LEU A 267 -0.30 -19.37 10.95
CA LEU A 267 -0.47 -19.77 12.35
C LEU A 267 0.82 -20.37 12.92
N GLU A 268 1.49 -21.21 12.15
CA GLU A 268 2.75 -21.83 12.57
C GLU A 268 3.83 -20.77 12.85
N LEU A 269 3.92 -19.78 11.98
CA LEU A 269 4.91 -18.71 12.14
C LEU A 269 4.64 -17.83 13.36
N ILE A 270 3.38 -17.48 13.57
CA ILE A 270 3.00 -16.70 14.75
C ILE A 270 3.39 -17.41 16.04
N GLN A 271 2.99 -18.67 16.15
CA GLN A 271 3.26 -19.48 17.33
C GLN A 271 4.75 -19.75 17.51
N ARG A 272 5.39 -20.17 16.43
CA ARG A 272 6.80 -20.56 16.44
C ARG A 272 7.71 -19.38 16.80
N TYR A 273 7.55 -18.28 16.08
CA TYR A 273 8.43 -17.12 16.25
C TYR A 273 7.97 -16.12 17.30
N LYS A 274 6.85 -16.42 17.95
CA LYS A 274 6.31 -15.56 19.01
C LYS A 274 6.10 -14.15 18.43
N VAL A 275 5.45 -14.06 17.27
CA VAL A 275 5.13 -12.79 16.64
C VAL A 275 4.39 -11.88 17.63
N THR A 276 4.80 -10.61 17.70
CA THR A 276 4.20 -9.68 18.64
C THR A 276 3.35 -8.60 17.98
N ILE A 277 3.64 -8.29 16.72
CA ILE A 277 2.87 -7.29 15.96
C ILE A 277 2.26 -7.94 14.73
N GLY A 278 0.94 -7.82 14.60
CA GLY A 278 0.23 -8.40 13.48
C GLY A 278 -0.47 -7.37 12.62
N PRO A 279 0.22 -6.91 11.54
CA PRO A 279 -0.40 -5.98 10.61
C PRO A 279 -1.19 -6.77 9.57
N PHE A 280 -2.50 -6.70 9.69
CA PHE A 280 -3.41 -7.49 8.86
C PHE A 280 -4.34 -6.62 8.01
N VAL A 281 -5.13 -7.30 7.20
CA VAL A 281 -6.26 -6.71 6.47
C VAL A 281 -7.50 -7.53 6.81
N PRO A 282 -8.71 -6.97 6.55
CA PRO A 282 -9.92 -7.70 6.97
C PRO A 282 -10.06 -9.17 6.50
N PRO A 283 -9.61 -9.52 5.27
CA PRO A 283 -9.74 -10.94 4.88
C PRO A 283 -8.91 -11.88 5.76
N ILE A 284 -7.78 -11.42 6.27
CA ILE A 284 -6.97 -12.23 7.18
C ILE A 284 -7.71 -12.39 8.50
N VAL A 285 -8.27 -11.29 9.01
CA VAL A 285 -9.08 -11.31 10.23
C VAL A 285 -10.24 -12.31 10.08
N LEU A 286 -10.90 -12.28 8.92
CA LEU A 286 -12.00 -13.20 8.62
C LEU A 286 -11.55 -14.66 8.58
N ALA A 287 -10.36 -14.91 8.02
CA ALA A 287 -9.78 -16.25 8.01
C ALA A 287 -9.52 -16.73 9.45
N ILE A 288 -9.02 -15.85 10.31
CA ILE A 288 -8.80 -16.14 11.74
C ILE A 288 -10.13 -16.44 12.44
N ALA A 289 -11.18 -15.77 11.99
CA ALA A 289 -12.54 -15.95 12.52
C ALA A 289 -13.12 -17.32 12.19
N LYS A 290 -12.87 -17.77 10.96
CA LYS A 290 -13.56 -18.92 10.39
C LYS A 290 -12.84 -20.25 10.56
N SER A 291 -11.50 -20.22 10.55
CA SER A 291 -10.71 -21.45 10.50
C SER A 291 -10.81 -22.31 11.75
N PRO A 292 -11.21 -23.59 11.59
CA PRO A 292 -11.26 -24.54 12.70
C PRO A 292 -9.90 -24.80 13.35
N MET A 293 -8.82 -24.61 12.60
CA MET A 293 -7.49 -24.95 13.14
C MET A 293 -6.91 -23.90 14.09
N VAL A 294 -7.51 -22.70 14.08
CA VAL A 294 -7.01 -21.60 14.91
C VAL A 294 -6.96 -21.96 16.41
N ASP A 295 -7.94 -22.73 16.87
CA ASP A 295 -8.00 -23.12 18.29
C ASP A 295 -6.90 -24.10 18.71
N ASP A 296 -6.16 -24.63 17.74
CA ASP A 296 -5.05 -25.54 18.02
C ASP A 296 -3.71 -24.81 18.18
N TYR A 297 -3.74 -23.48 18.07
CA TYR A 297 -2.54 -22.66 18.13
C TYR A 297 -2.51 -21.70 19.30
N ASP A 298 -1.29 -21.45 19.80
CA ASP A 298 -1.03 -20.46 20.84
C ASP A 298 -0.67 -19.15 20.15
N LEU A 299 -1.59 -18.18 20.23
CA LEU A 299 -1.40 -16.87 19.62
C LEU A 299 -1.21 -15.79 20.67
N SER A 300 -0.88 -16.21 21.89
CA SER A 300 -0.78 -15.29 23.03
C SER A 300 0.40 -14.31 22.95
N SER A 301 1.34 -14.57 22.04
CA SER A 301 2.49 -13.67 21.87
C SER A 301 2.11 -12.33 21.24
N VAL A 302 0.99 -12.31 20.52
CA VAL A 302 0.61 -11.13 19.77
C VAL A 302 0.09 -10.04 20.70
N ARG A 303 0.76 -8.89 20.70
CA ARG A 303 0.38 -7.80 21.59
C ARG A 303 -0.33 -6.66 20.87
N THR A 304 -0.17 -6.59 19.55
CA THR A 304 -0.80 -5.55 18.74
C THR A 304 -1.28 -6.17 17.43
N VAL A 305 -2.58 -6.03 17.16
CA VAL A 305 -3.16 -6.46 15.90
C VAL A 305 -3.78 -5.24 15.24
N MET A 306 -3.34 -4.95 14.02
CA MET A 306 -3.91 -3.86 13.25
C MET A 306 -4.61 -4.38 12.01
N SER A 307 -5.74 -3.78 11.69
CA SER A 307 -6.38 -3.98 10.39
C SER A 307 -6.41 -2.64 9.67
N GLY A 308 -6.16 -2.69 8.37
CA GLY A 308 -6.23 -1.49 7.52
C GLY A 308 -6.57 -1.85 6.08
N ALA A 309 -6.68 -0.82 5.24
CA ALA A 309 -6.85 -0.95 3.77
C ALA A 309 -8.29 -1.14 3.30
N ALA A 310 -9.19 -1.46 4.23
CA ALA A 310 -10.60 -1.72 3.96
C ALA A 310 -11.35 -1.72 5.30
N PRO A 311 -12.68 -1.47 5.29
CA PRO A 311 -13.42 -1.50 6.57
C PRO A 311 -13.40 -2.87 7.24
N LEU A 312 -13.44 -2.89 8.58
CA LEU A 312 -13.37 -4.15 9.33
C LEU A 312 -14.72 -4.70 9.84
N GLY A 313 -15.47 -3.87 10.54
CA GLY A 313 -16.77 -4.29 11.07
C GLY A 313 -16.72 -4.95 12.44
N LYS A 314 -17.88 -5.04 13.08
CA LYS A 314 -18.00 -5.46 14.48
C LYS A 314 -17.73 -6.94 14.73
N GLU A 315 -18.30 -7.81 13.89
CA GLU A 315 -18.19 -9.25 14.06
C GLU A 315 -16.75 -9.74 14.02
N LEU A 316 -15.95 -9.15 13.13
CA LEU A 316 -14.55 -9.52 12.97
C LEU A 316 -13.68 -8.94 14.07
N GLU A 317 -14.11 -7.81 14.64
CA GLU A 317 -13.41 -7.23 15.78
C GLU A 317 -13.55 -8.13 17.02
N ASP A 318 -14.70 -8.78 17.15
CA ASP A 318 -14.94 -9.77 18.20
C ASP A 318 -14.05 -11.00 18.04
N THR A 319 -13.76 -11.35 16.79
CA THR A 319 -12.89 -12.46 16.44
C THR A 319 -11.47 -12.26 16.97
N VAL A 320 -10.91 -11.09 16.68
CA VAL A 320 -9.55 -10.77 17.10
C VAL A 320 -9.44 -10.87 18.63
N ARG A 321 -10.39 -10.25 19.34
CA ARG A 321 -10.41 -10.26 20.80
C ARG A 321 -10.34 -11.67 21.37
N ALA A 322 -11.15 -12.57 20.82
CA ALA A 322 -11.21 -13.96 21.28
C ALA A 322 -9.95 -14.75 20.93
N LYS A 323 -9.41 -14.51 19.73
CA LYS A 323 -8.30 -15.30 19.22
C LYS A 323 -6.92 -14.74 19.59
N PHE A 324 -6.87 -13.44 19.90
CA PHE A 324 -5.63 -12.80 20.35
C PHE A 324 -5.83 -12.17 21.72
N PRO A 325 -5.83 -13.01 22.78
CA PRO A 325 -6.21 -12.54 24.12
C PRO A 325 -5.29 -11.48 24.74
N ASN A 326 -4.04 -11.39 24.27
CA ASN A 326 -3.08 -10.43 24.80
C ASN A 326 -2.89 -9.18 23.92
N ALA A 327 -3.70 -9.07 22.88
CA ALA A 327 -3.49 -8.01 21.88
C ALA A 327 -4.40 -6.80 22.07
N LYS A 328 -3.82 -5.62 21.90
CA LYS A 328 -4.60 -4.42 21.61
C LYS A 328 -5.00 -4.55 20.14
N LEU A 329 -6.30 -4.45 19.87
CA LEU A 329 -6.81 -4.54 18.49
C LEU A 329 -7.31 -3.17 18.06
N GLY A 330 -6.98 -2.79 16.83
CA GLY A 330 -7.46 -1.54 16.28
C GLY A 330 -7.17 -1.43 14.81
N GLN A 331 -7.43 -0.26 14.25
CA GLN A 331 -7.28 -0.04 12.82
C GLN A 331 -6.27 1.05 12.51
N GLY A 332 -5.74 1.00 11.31
CA GLY A 332 -5.01 2.12 10.73
C GLY A 332 -5.73 2.47 9.44
N TYR A 333 -5.70 3.75 9.07
CA TYR A 333 -6.33 4.23 7.86
C TYR A 333 -5.29 4.94 7.03
N GLY A 334 -5.08 4.42 5.82
CA GLY A 334 -4.11 4.99 4.91
C GLY A 334 -4.63 5.14 3.51
N MET A 335 -3.90 5.89 2.70
CA MET A 335 -4.18 6.09 1.29
C MET A 335 -2.82 6.40 0.69
N THR A 336 -2.50 5.77 -0.44
CA THR A 336 -1.17 5.90 -1.04
C THR A 336 -0.70 7.36 -1.14
N GLU A 337 -1.58 8.21 -1.67
CA GLU A 337 -1.29 9.64 -1.86
C GLU A 337 -1.03 10.39 -0.56
N ALA A 338 -1.49 9.82 0.55
CA ALA A 338 -1.37 10.45 1.87
C ALA A 338 -0.08 10.06 2.59
N GLY A 339 0.71 9.19 1.98
CA GLY A 339 2.03 8.89 2.54
C GLY A 339 2.43 7.58 3.24
N PRO A 340 1.48 6.73 3.69
CA PRO A 340 0.04 6.70 3.47
C PRO A 340 -0.86 7.01 4.68
N VAL A 341 -0.31 7.01 5.89
CA VAL A 341 -1.15 6.94 7.09
C VAL A 341 -1.82 8.28 7.42
N LEU A 342 -3.15 8.27 7.43
CA LEU A 342 -3.93 9.44 7.89
C LEU A 342 -4.27 9.35 9.36
N ALA A 343 -4.63 8.15 9.82
CA ALA A 343 -5.08 7.94 11.18
C ALA A 343 -4.59 6.61 11.71
N MET A 344 -4.29 6.56 13.00
CA MET A 344 -3.73 5.37 13.61
C MET A 344 -4.32 5.19 14.99
N CYS A 345 -4.69 3.96 15.30
CA CYS A 345 -5.34 3.62 16.55
C CYS A 345 -4.45 3.99 17.74
N LEU A 346 -4.98 4.82 18.64
CA LEU A 346 -4.18 5.25 19.79
C LEU A 346 -4.14 4.20 20.93
N ALA A 347 -4.87 3.11 20.76
CA ALA A 347 -4.69 1.95 21.65
C ALA A 347 -3.32 1.29 21.43
N PHE A 348 -2.66 1.64 20.33
CA PHE A 348 -1.35 1.09 19.98
C PHE A 348 -0.20 1.88 20.59
N ALA A 349 -0.52 3.03 21.21
CA ALA A 349 0.50 3.93 21.76
C ALA A 349 1.23 3.30 22.95
N LYS A 350 2.43 3.79 23.23
CA LYS A 350 3.21 3.30 24.37
C LYS A 350 2.43 3.49 25.68
N GLU A 351 1.79 4.66 25.80
CA GLU A 351 0.80 4.92 26.85
C GLU A 351 -0.55 4.96 26.14
N PRO A 352 -1.26 3.81 26.10
CA PRO A 352 -2.44 3.69 25.25
C PRO A 352 -3.63 4.57 25.65
N PHE A 353 -4.41 4.98 24.65
CA PHE A 353 -5.66 5.69 24.84
C PHE A 353 -6.80 4.69 24.70
N GLU A 354 -7.94 4.99 25.33
CA GLU A 354 -9.16 4.23 25.12
C GLU A 354 -9.66 4.43 23.69
N ILE A 355 -10.22 3.37 23.11
CA ILE A 355 -10.74 3.43 21.74
C ILE A 355 -12.14 2.84 21.64
N LYS A 356 -12.80 3.10 20.51
CA LYS A 356 -14.12 2.53 20.21
C LYS A 356 -14.04 1.58 19.04
N SER A 357 -14.91 0.57 19.05
CA SER A 357 -15.03 -0.37 17.94
C SER A 357 -15.51 0.32 16.67
N GLY A 358 -14.92 -0.03 15.54
CA GLY A 358 -15.31 0.53 14.25
C GLY A 358 -14.62 1.83 13.87
N ALA A 359 -13.84 2.39 14.80
CA ALA A 359 -13.04 3.59 14.51
C ALA A 359 -11.80 3.20 13.72
N CYS A 360 -11.34 4.09 12.84
CA CYS A 360 -10.13 3.78 12.08
C CYS A 360 -8.90 4.51 12.62
N GLY A 361 -9.03 5.05 13.83
CA GLY A 361 -7.91 5.70 14.50
C GLY A 361 -8.13 7.18 14.75
N THR A 362 -7.07 7.84 15.16
CA THR A 362 -7.04 9.28 15.37
C THR A 362 -6.04 9.85 14.37
N VAL A 363 -6.36 11.00 13.78
CA VAL A 363 -5.44 11.63 12.83
C VAL A 363 -4.03 11.69 13.42
N VAL A 364 -3.04 11.37 12.60
CA VAL A 364 -1.65 11.37 13.06
C VAL A 364 -1.18 12.73 13.56
N ARG A 365 -0.20 12.70 14.45
CA ARG A 365 0.45 13.92 14.95
C ARG A 365 1.18 14.64 13.80
N ASN A 366 1.52 15.92 14.02
CA ASN A 366 2.22 16.71 12.99
C ASN A 366 1.44 16.70 11.68
N ALA A 367 0.13 16.83 11.79
CA ALA A 367 -0.78 16.85 10.63
C ALA A 367 -2.07 17.56 10.96
N GLU A 368 -2.83 17.91 9.93
CA GLU A 368 -4.15 18.51 10.14
C GLU A 368 -5.18 17.78 9.31
N MET A 369 -6.37 17.63 9.87
CA MET A 369 -7.48 17.00 9.18
C MET A 369 -8.71 17.91 9.18
N LYS A 370 -9.45 17.90 8.08
CA LYS A 370 -10.76 18.52 8.06
C LYS A 370 -11.77 17.60 7.39
N ILE A 371 -13.04 17.88 7.64
CA ILE A 371 -14.15 17.11 7.08
C ILE A 371 -14.98 18.09 6.27
N VAL A 372 -15.11 17.85 4.97
CA VAL A 372 -15.70 18.83 4.06
C VAL A 372 -16.94 18.26 3.38
N ASP A 373 -18.04 19.01 3.45
CA ASP A 373 -19.27 18.65 2.74
C ASP A 373 -19.06 18.74 1.23
N PRO A 374 -19.24 17.62 0.51
CA PRO A 374 -19.07 17.60 -0.96
C PRO A 374 -20.04 18.53 -1.69
N LYS A 375 -21.24 18.74 -1.13
CA LYS A 375 -22.28 19.56 -1.74
C LYS A 375 -21.94 21.06 -1.69
N THR A 376 -21.50 21.53 -0.53
CA THR A 376 -21.31 22.96 -0.27
C THR A 376 -19.85 23.39 -0.24
N GLY A 377 -18.96 22.47 0.10
CA GLY A 377 -17.54 22.77 0.24
C GLY A 377 -17.21 23.28 1.65
N ASN A 378 -18.21 23.32 2.51
CA ASN A 378 -18.04 23.79 3.88
C ASN A 378 -17.36 22.74 4.76
N SER A 379 -16.42 23.19 5.58
CA SER A 379 -15.82 22.33 6.59
C SER A 379 -16.83 22.10 7.71
N LEU A 380 -16.81 20.88 8.25
CA LEU A 380 -17.83 20.42 9.19
C LEU A 380 -17.27 20.24 10.60
N PRO A 381 -18.14 20.40 11.61
CA PRO A 381 -17.72 20.15 12.99
C PRO A 381 -17.72 18.66 13.32
N ARG A 382 -17.50 18.33 14.60
CA ARG A 382 -17.54 16.96 15.08
C ARG A 382 -18.91 16.31 14.82
N ASN A 383 -18.89 14.98 14.63
CA ASN A 383 -20.12 14.18 14.49
C ASN A 383 -20.96 14.49 13.26
N GLN A 384 -20.31 15.04 12.23
CA GLN A 384 -20.95 15.28 10.95
C GLN A 384 -20.11 14.70 9.82
N SER A 385 -20.73 13.87 9.00
CA SER A 385 -20.03 13.17 7.93
C SER A 385 -19.78 14.04 6.69
N GLY A 386 -18.59 13.90 6.14
CA GLY A 386 -18.21 14.58 4.90
C GLY A 386 -16.89 14.00 4.42
N GLU A 387 -16.33 14.62 3.39
CA GLU A 387 -15.09 14.14 2.81
C GLU A 387 -13.89 14.41 3.71
N ILE A 388 -13.13 13.35 3.99
CA ILE A 388 -11.91 13.44 4.79
C ILE A 388 -10.79 14.08 3.99
N CYS A 389 -10.17 15.10 4.57
CA CYS A 389 -9.03 15.79 3.96
C CYS A 389 -7.89 15.86 4.96
N ILE A 390 -6.67 15.78 4.47
CA ILE A 390 -5.50 15.83 5.36
C ILE A 390 -4.40 16.71 4.76
N ARG A 391 -3.62 17.31 5.65
CA ARG A 391 -2.55 18.22 5.29
C ARG A 391 -1.32 17.90 6.16
N GLY A 392 -0.13 17.92 5.57
CA GLY A 392 1.11 17.67 6.33
C GLY A 392 2.26 17.28 5.42
N ASP A 393 3.46 17.26 5.97
CA ASP A 393 4.67 16.95 5.21
C ASP A 393 4.73 15.51 4.73
N GLN A 394 3.85 14.66 5.23
CA GLN A 394 3.87 13.23 4.88
C GLN A 394 3.24 12.89 3.54
N ILE A 395 2.42 13.79 3.00
CA ILE A 395 1.67 13.45 1.78
C ILE A 395 2.56 13.46 0.53
N MET A 396 2.05 12.91 -0.56
CA MET A 396 2.82 12.81 -1.80
C MET A 396 3.25 14.18 -2.32
N LYS A 397 4.33 14.19 -3.11
CA LYS A 397 4.74 15.37 -3.86
C LYS A 397 3.72 15.66 -4.97
N GLY A 398 3.17 14.59 -5.54
CA GLY A 398 2.21 14.72 -6.64
C GLY A 398 2.27 13.49 -7.51
N TYR A 399 1.47 13.48 -8.58
CA TYR A 399 1.48 12.38 -9.53
C TYR A 399 2.53 12.62 -10.60
N LEU A 400 3.31 11.58 -10.90
CA LEU A 400 4.37 11.66 -11.91
C LEU A 400 3.82 12.06 -13.27
N ASN A 401 4.40 13.11 -13.84
CA ASN A 401 4.02 13.62 -15.17
C ASN A 401 2.53 13.92 -15.31
N ASP A 402 1.87 14.24 -14.21
CA ASP A 402 0.43 14.47 -14.24
C ASP A 402 0.03 15.64 -13.31
N PRO A 403 0.43 16.87 -13.67
CA PRO A 403 0.11 18.02 -12.82
C PRO A 403 -1.39 18.32 -12.73
N GLU A 404 -2.14 17.99 -13.78
CA GLU A 404 -3.59 18.18 -13.77
C GLU A 404 -4.26 17.33 -12.69
N ALA A 405 -3.91 16.05 -12.62
CA ALA A 405 -4.45 15.16 -11.60
C ALA A 405 -3.98 15.58 -10.20
N THR A 406 -2.74 16.04 -10.10
CA THR A 406 -2.22 16.51 -8.83
C THR A 406 -3.04 17.70 -8.34
N ALA A 407 -3.27 18.66 -9.23
CA ALA A 407 -4.03 19.87 -8.90
C ALA A 407 -5.46 19.59 -8.46
N ARG A 408 -6.07 18.52 -8.99
CA ARG A 408 -7.43 18.14 -8.62
C ARG A 408 -7.49 17.33 -7.32
N THR A 409 -6.33 16.90 -6.83
CA THR A 409 -6.25 15.99 -5.69
C THR A 409 -5.72 16.66 -4.42
N ILE A 410 -4.72 17.52 -4.59
CA ILE A 410 -4.17 18.32 -3.50
C ILE A 410 -4.36 19.78 -3.88
N ASP A 411 -5.04 20.55 -3.04
CA ASP A 411 -5.29 21.96 -3.36
C ASP A 411 -4.12 22.86 -3.00
N LYS A 412 -4.24 24.14 -3.33
CA LYS A 412 -3.14 25.09 -3.18
C LYS A 412 -2.86 25.48 -1.73
N GLU A 413 -3.71 25.03 -0.80
CA GLU A 413 -3.45 25.20 0.63
C GLU A 413 -2.85 23.92 1.23
N GLY A 414 -2.57 22.95 0.36
CA GLY A 414 -1.91 21.70 0.76
C GLY A 414 -2.83 20.59 1.22
N TRP A 415 -4.14 20.77 1.04
CA TRP A 415 -5.12 19.76 1.46
C TRP A 415 -5.29 18.64 0.43
N LEU A 416 -5.06 17.40 0.87
CA LEU A 416 -5.37 16.22 0.07
C LEU A 416 -6.82 15.83 0.32
N TYR A 417 -7.59 15.71 -0.76
CA TYR A 417 -8.98 15.29 -0.70
C TYR A 417 -9.03 13.79 -1.00
N THR A 418 -9.47 13.01 -0.02
CA THR A 418 -9.32 11.55 -0.07
C THR A 418 -10.37 10.82 -0.88
N GLY A 419 -11.53 11.43 -1.05
CA GLY A 419 -12.68 10.72 -1.61
C GLY A 419 -13.34 9.75 -0.64
N ASP A 420 -12.92 9.78 0.62
CA ASP A 420 -13.52 8.98 1.69
C ASP A 420 -14.47 9.85 2.50
N ILE A 421 -15.57 9.25 2.96
CA ILE A 421 -16.56 9.96 3.78
C ILE A 421 -16.51 9.44 5.20
N GLY A 422 -16.44 10.37 6.16
CA GLY A 422 -16.42 9.99 7.56
C GLY A 422 -16.65 11.17 8.50
N TYR A 423 -16.60 10.87 9.79
CA TYR A 423 -16.77 11.89 10.83
C TYR A 423 -15.78 11.67 11.97
N ILE A 424 -15.50 12.74 12.70
CA ILE A 424 -14.66 12.67 13.90
C ILE A 424 -15.55 12.96 15.11
N ASP A 425 -15.47 12.09 16.11
CA ASP A 425 -16.32 12.22 17.29
C ASP A 425 -15.69 13.07 18.40
N ASP A 426 -16.35 13.14 19.55
CA ASP A 426 -15.87 13.97 20.65
C ASP A 426 -14.57 13.49 21.28
N ASP A 427 -14.19 12.24 21.00
CA ASP A 427 -12.94 11.68 21.51
C ASP A 427 -11.86 11.67 20.43
N ASP A 428 -12.08 12.46 19.39
CA ASP A 428 -11.14 12.57 18.27
C ASP A 428 -10.86 11.22 17.61
N GLU A 429 -11.89 10.38 17.55
CA GLU A 429 -11.81 9.13 16.83
C GLU A 429 -12.53 9.27 15.50
N LEU A 430 -11.85 8.86 14.43
CA LEU A 430 -12.36 8.98 13.07
C LEU A 430 -13.08 7.70 12.65
N PHE A 431 -14.25 7.89 12.05
CA PHE A 431 -15.05 6.77 11.54
C PHE A 431 -15.30 6.99 10.06
N ILE A 432 -14.92 6.00 9.26
CA ILE A 432 -15.23 6.02 7.83
C ILE A 432 -16.58 5.36 7.63
N VAL A 433 -17.49 6.05 6.95
CA VAL A 433 -18.87 5.58 6.78
C VAL A 433 -19.22 5.25 5.32
N ASP A 434 -18.47 5.82 4.38
CA ASP A 434 -18.74 5.61 2.96
C ASP A 434 -17.53 5.98 2.11
N ARG A 435 -17.63 5.73 0.82
CA ARG A 435 -16.60 6.13 -0.14
C ARG A 435 -17.26 6.89 -1.28
N LEU A 436 -16.87 8.15 -1.43
CA LEU A 436 -17.36 9.02 -2.50
C LEU A 436 -16.69 8.66 -3.82
N LYS A 437 -15.38 8.45 -3.79
CA LYS A 437 -14.61 8.09 -4.99
C LYS A 437 -14.99 6.71 -5.52
N GLU A 438 -14.69 6.48 -6.79
CA GLU A 438 -15.10 5.29 -7.53
C GLU A 438 -14.31 4.02 -7.20
N LEU A 439 -13.18 4.18 -6.52
CA LEU A 439 -12.32 3.06 -6.14
C LEU A 439 -13.05 1.87 -5.53
N ILE A 440 -12.69 0.68 -5.99
CA ILE A 440 -13.16 -0.58 -5.42
C ILE A 440 -11.98 -1.19 -4.67
N LYS A 441 -12.26 -1.80 -3.51
CA LYS A 441 -11.22 -2.52 -2.77
C LYS A 441 -11.56 -4.01 -2.67
N TYR A 442 -10.76 -4.83 -3.34
CA TYR A 442 -10.90 -6.28 -3.26
C TYR A 442 -9.82 -6.80 -2.33
N LYS A 443 -10.22 -7.31 -1.17
CA LYS A 443 -9.28 -7.80 -0.15
C LYS A 443 -8.18 -6.76 0.15
N GLY A 444 -8.53 -5.48 0.11
CA GLY A 444 -7.58 -4.40 0.34
C GLY A 444 -6.82 -3.92 -0.89
N PHE A 445 -6.89 -4.68 -1.98
CA PHE A 445 -6.25 -4.31 -3.25
C PHE A 445 -7.09 -3.28 -3.99
N GLN A 446 -6.44 -2.27 -4.57
CA GLN A 446 -7.11 -1.28 -5.41
C GLN A 446 -7.61 -1.89 -6.71
N VAL A 447 -8.89 -1.65 -7.02
CA VAL A 447 -9.43 -1.97 -8.34
C VAL A 447 -10.01 -0.66 -8.89
N ALA A 448 -9.38 -0.15 -9.95
CA ALA A 448 -9.79 1.10 -10.56
C ALA A 448 -10.85 0.80 -11.61
N PRO A 449 -12.12 1.18 -11.35
CA PRO A 449 -13.16 0.87 -12.34
C PRO A 449 -12.92 1.49 -13.71
N ALA A 450 -12.23 2.63 -13.78
CA ALA A 450 -11.94 3.28 -15.06
C ALA A 450 -11.12 2.38 -15.99
N GLU A 451 -10.24 1.59 -15.40
CA GLU A 451 -9.42 0.64 -16.15
C GLU A 451 -10.30 -0.45 -16.78
N LEU A 452 -11.20 -1.00 -15.99
CA LEU A 452 -12.11 -2.06 -16.44
C LEU A 452 -13.14 -1.53 -17.42
N GLU A 453 -13.61 -0.31 -17.19
CA GLU A 453 -14.59 0.33 -18.05
C GLU A 453 -14.03 0.60 -19.44
N ALA A 454 -12.76 0.99 -19.49
CA ALA A 454 -12.06 1.20 -20.76
C ALA A 454 -11.97 -0.10 -21.57
N LEU A 455 -11.70 -1.20 -20.88
CA LEU A 455 -11.65 -2.52 -21.53
C LEU A 455 -13.02 -2.93 -22.08
N LEU A 456 -14.05 -2.74 -21.27
CA LEU A 456 -15.43 -3.11 -21.63
C LEU A 456 -15.93 -2.30 -22.83
N LEU A 457 -15.61 -1.01 -22.87
CA LEU A 457 -15.97 -0.15 -23.99
C LEU A 457 -15.22 -0.51 -25.27
N ASN A 458 -14.11 -1.24 -25.14
CA ASN A 458 -13.34 -1.72 -26.29
C ASN A 458 -13.99 -2.90 -26.99
N HIS A 459 -14.91 -3.58 -26.30
CA HIS A 459 -15.61 -4.72 -26.88
C HIS A 459 -16.63 -4.25 -27.92
N PRO A 460 -16.57 -4.82 -29.14
CA PRO A 460 -17.47 -4.43 -30.24
C PRO A 460 -18.95 -4.60 -29.91
N ASN A 461 -19.27 -5.45 -28.93
CA ASN A 461 -20.65 -5.78 -28.60
C ASN A 461 -21.17 -5.14 -27.30
N ILE A 462 -20.40 -4.20 -26.76
CA ILE A 462 -20.81 -3.46 -25.57
C ILE A 462 -20.90 -1.98 -25.93
N SER A 463 -22.04 -1.36 -25.65
CA SER A 463 -22.26 0.04 -25.98
C SER A 463 -21.75 0.95 -24.86
N ASP A 464 -22.10 0.59 -23.62
CA ASP A 464 -21.73 1.36 -22.44
C ASP A 464 -21.50 0.43 -21.26
N ALA A 465 -20.74 0.90 -20.28
CA ALA A 465 -20.42 0.10 -19.10
C ALA A 465 -20.07 0.95 -17.89
N ALA A 466 -20.34 0.41 -16.71
CA ALA A 466 -19.93 1.02 -15.47
C ALA A 466 -19.55 -0.07 -14.48
N VAL A 467 -18.42 0.09 -13.81
CA VAL A 467 -17.96 -0.89 -12.84
C VAL A 467 -18.02 -0.27 -11.45
N VAL A 468 -18.72 -0.96 -10.54
CA VAL A 468 -18.96 -0.48 -9.17
C VAL A 468 -18.72 -1.62 -8.16
N PRO A 469 -18.48 -1.26 -6.89
CA PRO A 469 -18.29 -2.32 -5.90
C PRO A 469 -19.62 -2.93 -5.45
N MET A 470 -19.61 -4.23 -5.24
CA MET A 470 -20.71 -4.92 -4.57
C MET A 470 -20.15 -5.53 -3.29
N LYS A 471 -20.90 -5.39 -2.19
CA LYS A 471 -20.49 -5.91 -0.88
C LYS A 471 -20.33 -7.43 -0.92
N ASP A 472 -19.23 -7.91 -0.34
CA ASP A 472 -18.88 -9.32 -0.35
C ASP A 472 -18.23 -9.71 0.96
N GLU A 473 -18.64 -10.85 1.53
CA GLU A 473 -18.13 -11.28 2.83
C GLU A 473 -16.63 -11.60 2.81
N GLN A 474 -16.21 -12.40 1.83
CA GLN A 474 -14.82 -12.84 1.75
C GLN A 474 -13.86 -11.71 1.34
N ALA A 475 -14.29 -10.87 0.41
CA ALA A 475 -13.38 -9.88 -0.20
C ALA A 475 -13.66 -8.44 0.22
N GLY A 476 -14.74 -8.21 0.95
CA GLY A 476 -15.14 -6.85 1.33
C GLY A 476 -16.00 -6.27 0.23
N GLU A 477 -15.37 -6.03 -0.91
CA GLU A 477 -16.07 -5.63 -2.12
C GLU A 477 -15.58 -6.47 -3.30
N VAL A 478 -16.48 -6.74 -4.24
CA VAL A 478 -16.08 -7.29 -5.53
C VAL A 478 -16.49 -6.34 -6.64
N PRO A 479 -15.71 -6.27 -7.73
CA PRO A 479 -16.13 -5.46 -8.87
C PRO A 479 -17.28 -6.11 -9.60
N VAL A 480 -18.33 -5.33 -9.85
CA VAL A 480 -19.42 -5.77 -10.73
C VAL A 480 -19.63 -4.77 -11.86
N ALA A 481 -20.03 -5.28 -13.02
CA ALA A 481 -20.21 -4.43 -14.18
C ALA A 481 -21.68 -4.30 -14.54
N PHE A 482 -22.11 -3.06 -14.73
CA PHE A 482 -23.37 -2.78 -15.40
C PHE A 482 -23.04 -2.55 -16.87
N VAL A 483 -23.68 -3.31 -17.74
CA VAL A 483 -23.34 -3.34 -19.14
C VAL A 483 -24.58 -3.07 -19.99
N VAL A 484 -24.42 -2.18 -20.96
CA VAL A 484 -25.42 -1.94 -21.99
C VAL A 484 -24.92 -2.59 -23.27
N ARG A 485 -25.62 -3.63 -23.72
CA ARG A 485 -25.24 -4.32 -24.94
C ARG A 485 -25.45 -3.41 -26.15
N SER A 486 -24.56 -3.53 -27.13
CA SER A 486 -24.77 -2.90 -28.43
C SER A 486 -26.06 -3.46 -29.04
N ASN A 487 -26.61 -2.76 -30.03
CA ASN A 487 -27.81 -3.25 -30.71
C ASN A 487 -27.55 -4.60 -31.39
N GLY A 488 -28.33 -5.59 -31.01
CA GLY A 488 -28.25 -6.93 -31.63
C GLY A 488 -27.23 -7.84 -30.97
N SER A 489 -26.56 -7.31 -29.96
CA SER A 489 -25.55 -8.07 -29.23
C SER A 489 -26.19 -9.13 -28.33
N THR A 490 -25.58 -10.31 -28.29
CA THR A 490 -26.05 -11.38 -27.39
C THR A 490 -25.00 -11.77 -26.37
N ILE A 491 -24.05 -10.87 -26.10
CA ILE A 491 -22.95 -11.15 -25.18
C ILE A 491 -23.47 -11.52 -23.78
N THR A 492 -23.02 -12.65 -23.26
CA THR A 492 -23.55 -13.16 -22.01
C THR A 492 -22.66 -12.76 -20.83
N GLU A 493 -23.18 -12.95 -19.61
CA GLU A 493 -22.42 -12.68 -18.39
C GLU A 493 -21.04 -13.34 -18.44
N ASP A 494 -21.02 -14.64 -18.73
CA ASP A 494 -19.77 -15.40 -18.78
C ASP A 494 -18.80 -14.89 -19.84
N GLU A 495 -19.34 -14.49 -20.99
CA GLU A 495 -18.54 -13.98 -22.08
C GLU A 495 -17.88 -12.64 -21.72
N VAL A 496 -18.63 -11.77 -21.04
CA VAL A 496 -18.10 -10.52 -20.52
C VAL A 496 -16.99 -10.81 -19.50
N LYS A 497 -17.27 -11.72 -18.57
CA LYS A 497 -16.30 -12.10 -17.54
C LYS A 497 -15.02 -12.66 -18.15
N ASP A 498 -15.17 -13.58 -19.11
CA ASP A 498 -14.02 -14.17 -19.80
C ASP A 498 -13.17 -13.14 -20.54
N PHE A 499 -13.84 -12.18 -21.20
CA PHE A 499 -13.17 -11.09 -21.91
C PHE A 499 -12.28 -10.28 -20.97
N ILE A 500 -12.78 -9.99 -19.77
CA ILE A 500 -12.01 -9.26 -18.77
C ILE A 500 -10.92 -10.16 -18.14
N SER A 501 -11.32 -11.38 -17.79
CA SER A 501 -10.44 -12.32 -17.07
C SER A 501 -9.13 -12.65 -17.79
N LYS A 502 -9.15 -12.59 -19.12
CA LYS A 502 -7.98 -12.87 -19.93
C LYS A 502 -6.99 -11.71 -19.98
N GLN A 503 -7.37 -10.57 -19.41
CA GLN A 503 -6.63 -9.31 -19.59
C GLN A 503 -6.15 -8.65 -18.29
N VAL A 504 -6.59 -9.15 -17.14
CA VAL A 504 -6.30 -8.49 -15.86
C VAL A 504 -5.87 -9.48 -14.78
N ILE A 505 -5.14 -8.99 -13.79
CA ILE A 505 -4.80 -9.78 -12.60
C ILE A 505 -6.09 -10.27 -11.92
N PHE A 506 -6.01 -11.41 -11.26
CA PHE A 506 -7.18 -12.10 -10.69
C PHE A 506 -8.13 -11.20 -9.89
N TYR A 507 -7.58 -10.31 -9.06
CA TYR A 507 -8.43 -9.55 -8.14
C TYR A 507 -9.25 -8.44 -8.83
N LYS A 508 -8.89 -8.14 -10.08
CA LYS A 508 -9.61 -7.14 -10.86
C LYS A 508 -10.79 -7.74 -11.62
N ARG A 509 -10.94 -9.07 -11.54
CA ARG A 509 -11.98 -9.76 -12.28
C ARG A 509 -13.38 -9.31 -11.90
N ILE A 510 -14.26 -9.25 -12.91
CA ILE A 510 -15.64 -8.91 -12.69
C ILE A 510 -16.35 -10.15 -12.16
N LYS A 511 -17.00 -10.02 -11.01
CA LYS A 511 -17.66 -11.15 -10.36
C LYS A 511 -19.11 -11.34 -10.76
N ARG A 512 -19.77 -10.25 -11.16
CA ARG A 512 -21.14 -10.31 -11.64
C ARG A 512 -21.32 -9.26 -12.74
N VAL A 513 -22.12 -9.58 -13.75
CA VAL A 513 -22.52 -8.56 -14.70
C VAL A 513 -24.03 -8.40 -14.66
N PHE A 514 -24.47 -7.15 -14.67
CA PHE A 514 -25.88 -6.81 -14.72
C PHE A 514 -26.12 -6.07 -16.02
N PHE A 515 -27.04 -6.59 -16.84
CA PHE A 515 -27.30 -5.98 -18.12
C PHE A 515 -28.47 -5.02 -18.02
N VAL A 516 -28.23 -3.78 -18.45
CA VAL A 516 -29.22 -2.70 -18.33
C VAL A 516 -29.39 -1.96 -19.66
N ASP A 517 -30.48 -1.21 -19.77
CA ASP A 517 -30.78 -0.44 -20.98
C ASP A 517 -29.94 0.83 -21.09
N ALA A 518 -29.56 1.40 -19.94
CA ALA A 518 -28.78 2.63 -19.90
C ALA A 518 -27.93 2.69 -18.63
N ILE A 519 -26.76 3.32 -18.74
CA ILE A 519 -25.95 3.64 -17.57
C ILE A 519 -26.39 5.01 -17.04
N PRO A 520 -26.92 5.07 -15.82
CA PRO A 520 -27.33 6.34 -15.21
C PRO A 520 -26.15 7.31 -15.13
N LYS A 521 -26.30 8.47 -15.76
CA LYS A 521 -25.22 9.46 -15.85
C LYS A 521 -25.67 10.85 -15.45
N SER A 522 -24.74 11.61 -14.87
CA SER A 522 -24.93 13.03 -14.61
C SER A 522 -24.89 13.81 -15.93
N PRO A 523 -25.56 14.98 -15.98
CA PRO A 523 -25.60 15.79 -17.20
C PRO A 523 -24.23 16.23 -17.74
N SER A 524 -23.16 15.96 -16.98
CA SER A 524 -21.79 16.23 -17.43
C SER A 524 -21.22 15.07 -18.24
N GLY A 525 -21.83 13.90 -18.09
CA GLY A 525 -21.34 12.68 -18.74
C GLY A 525 -20.59 11.77 -17.79
N LYS A 526 -20.86 11.91 -16.49
CA LYS A 526 -20.21 11.11 -15.45
C LYS A 526 -21.19 10.14 -14.79
N ILE A 527 -20.71 8.95 -14.48
CA ILE A 527 -21.52 7.84 -13.99
C ILE A 527 -22.09 8.10 -12.59
N LEU A 528 -23.38 7.84 -12.43
CA LEU A 528 -24.06 7.94 -11.13
C LEU A 528 -23.83 6.66 -10.33
N ARG A 529 -22.63 6.56 -9.77
CA ARG A 529 -22.16 5.33 -9.12
C ARG A 529 -22.89 5.02 -7.81
N LYS A 530 -23.26 6.06 -7.06
CA LYS A 530 -23.99 5.88 -5.81
C LYS A 530 -25.36 5.26 -6.07
N ASP A 531 -26.00 5.66 -7.17
CA ASP A 531 -27.28 5.08 -7.60
C ASP A 531 -27.17 3.59 -7.90
N LEU A 532 -26.08 3.20 -8.58
CA LEU A 532 -25.83 1.79 -8.91
C LEU A 532 -25.57 0.94 -7.67
N ARG A 533 -24.82 1.50 -6.70
CA ARG A 533 -24.57 0.84 -5.43
C ARG A 533 -25.85 0.64 -4.61
N ALA A 534 -26.75 1.62 -4.69
CA ALA A 534 -28.06 1.54 -4.04
C ALA A 534 -28.92 0.41 -4.62
N LYS A 535 -28.85 0.25 -5.94
CA LYS A 535 -29.57 -0.81 -6.65
C LYS A 535 -29.00 -2.17 -6.28
N LEU A 536 -27.67 -2.26 -6.21
CA LEU A 536 -26.99 -3.51 -5.87
C LEU A 536 -26.95 -3.70 -4.35
C2 4UU B . -11.86 1.76 5.72
O34 4UU B . -5.28 1.08 1.65
CAR 4UU B . -4.28 1.80 1.67
CAQ 4UU B . -3.39 1.87 2.84
CAP 4UU B . -3.82 1.49 4.05
CAK 4UU B . -2.96 1.54 5.25
CAJ 4UU B . -3.52 1.17 6.48
CAD 4UU B . -2.74 1.18 7.64
CAH 4UU B . -1.63 1.93 5.19
CAS 4UU B . -0.84 1.95 6.35
CAC 4UU B . -1.40 1.57 7.57
OBF 4UU B . -0.69 1.59 8.61
O2P 4UU B . -3.95 2.60 0.53
P 4UU B . -4.71 2.54 -0.90
O1P 4UU B . -4.19 3.75 -1.61
O3P 4UU B . -4.53 1.19 -1.53
O5' 4UU B . -6.28 2.72 -0.63
C5' 4UU B . -6.72 3.76 0.22
C4' 4UU B . -8.20 3.61 0.44
C3' 4UU B . -8.70 4.68 1.38
O3' 4UU B . -8.84 5.96 0.75
C2' 4UU B . -9.99 4.06 1.86
O2' 4UU B . -11.02 4.14 0.86
O4' 4UU B . -8.51 2.39 1.11
C1' 4UU B . -9.58 2.61 2.03
N9 4UU B . -9.12 2.35 3.42
C4 4UU B . -9.93 2.10 4.45
N3 4UU B . -11.29 2.01 4.54
C8 4UU B . -7.85 2.32 3.89
N7 4UU B . -7.86 2.05 5.21
C5 4UU B . -9.15 1.90 5.58
C6 4UU B . -9.78 1.63 6.79
N1 4UU B . -11.12 1.55 6.83
N6 4UU B . -9.07 1.43 7.92
MG MG C . 20.52 16.40 1.69
#